data_6E95
#
_entry.id   6E95
#
_cell.length_a   63.141
_cell.length_b   83.375
_cell.length_c   146.966
_cell.angle_alpha   90.00
_cell.angle_beta   90.00
_cell.angle_gamma   90.00
#
_symmetry.space_group_name_H-M   'P 2 21 21'
#
loop_
_entity.id
_entity.type
_entity.pdbx_description
1 polymer 'Staphylococcus aureus AgrC histidine kinase module fused to Saccharomyces cerevisiae GCN4 leucine zipper'
2 water water
#
_entity_poly.entity_id   1
_entity_poly.type   'polypeptide(L)'
_entity_poly.pdbx_seq_one_letter_code
;GSHMKQLEDKVEELLSKNYHLENEVARLKYKRNQEEIETYYEYTLKIEAINNEMRKFRHDYVNILTTLSEYIREDDMPGL
RDYFNKNIVPMKDNLQMNAIKLNGIENLKVREIKGLITAKILRAQEMNIPISIEIPDEVSSINLNMIDLSRSIGIILDNA
IEASTEIDDPIIRVAFIESENSVTFIVMNKCADDIPRIHELFQESFSTKGEGRGLGLSTLKEIADNADNVLLDTIIENGF
FIQKVEIINN
;
_entity_poly.pdbx_strand_id   A,B
#
# COMPACT_ATOMS: atom_id res chain seq x y z
N SER A 2 33.87 42.21 41.29
CA SER A 2 35.12 41.38 41.35
C SER A 2 35.13 40.33 40.23
N HIS A 3 36.29 39.72 39.98
CA HIS A 3 36.50 38.66 38.95
C HIS A 3 35.61 37.47 39.29
N MET A 4 35.68 37.00 40.53
CA MET A 4 35.00 35.75 40.94
C MET A 4 33.48 36.01 40.91
N LYS A 5 33.00 37.14 41.42
CA LYS A 5 31.54 37.45 41.41
C LYS A 5 30.99 37.28 39.99
N GLN A 6 31.85 37.40 38.97
CA GLN A 6 31.47 37.24 37.54
C GLN A 6 31.13 35.77 37.28
N LEU A 7 32.05 34.83 37.40
CA LEU A 7 31.75 33.39 37.14
C LEU A 7 30.49 32.95 37.91
N GLU A 8 30.41 33.24 39.20
CA GLU A 8 29.21 32.95 39.98
C GLU A 8 27.99 33.54 39.25
N ASP A 9 28.13 34.76 38.74
CA ASP A 9 27.11 35.45 37.90
C ASP A 9 26.93 34.68 36.57
N LYS A 10 28.00 34.11 36.00
CA LYS A 10 27.97 33.42 34.68
C LYS A 10 27.14 32.14 34.81
N VAL A 11 27.54 31.28 35.75
CA VAL A 11 26.93 29.93 36.00
C VAL A 11 25.43 30.13 36.15
N GLU A 12 25.04 31.13 36.95
CA GLU A 12 23.63 31.51 37.13
C GLU A 12 22.99 31.70 35.74
N GLU A 13 23.61 32.46 34.84
CA GLU A 13 22.97 32.90 33.57
C GLU A 13 23.03 31.75 32.56
N LEU A 14 24.04 30.87 32.60
CA LEU A 14 24.07 29.65 31.75
C LEU A 14 23.02 28.65 32.25
N LEU A 15 22.84 28.52 33.56
CA LEU A 15 21.79 27.62 34.10
C LEU A 15 20.45 28.15 33.58
N SER A 16 20.18 29.44 33.64
CA SER A 16 18.91 30.03 33.14
C SER A 16 18.74 29.70 31.66
N LYS A 17 19.82 29.79 30.90
CA LYS A 17 19.73 29.62 29.43
C LYS A 17 19.33 28.16 29.15
N ASN A 18 20.03 27.22 29.79
CA ASN A 18 19.80 25.76 29.64
C ASN A 18 18.37 25.42 30.06
N TYR A 19 17.85 26.05 31.09
CA TYR A 19 16.45 25.87 31.52
C TYR A 19 15.53 26.16 30.34
N HIS A 20 15.59 27.37 29.79
CA HIS A 20 14.78 27.78 28.60
C HIS A 20 14.99 26.82 27.43
N LEU A 21 16.21 26.40 27.16
CA LEU A 21 16.48 25.45 26.05
C LEU A 21 15.76 24.13 26.30
N GLU A 22 15.78 23.70 27.55
CA GLU A 22 15.29 22.38 28.01
C GLU A 22 13.76 22.44 27.90
N ASN A 23 13.16 23.60 28.17
CA ASN A 23 11.71 23.84 27.96
C ASN A 23 11.38 23.77 26.46
N GLU A 24 12.20 24.40 25.62
CA GLU A 24 12.05 24.30 24.14
C GLU A 24 12.12 22.84 23.68
N VAL A 25 13.17 22.10 24.04
CA VAL A 25 13.31 20.68 23.62
C VAL A 25 12.02 19.96 24.00
N ALA A 26 11.54 20.17 25.22
CA ALA A 26 10.40 19.41 25.74
C ALA A 26 9.15 19.79 24.95
N ARG A 27 8.98 21.07 24.59
CA ARG A 27 7.79 21.54 23.84
C ARG A 27 7.83 20.95 22.42
N LEU A 28 9.02 20.82 21.86
CA LEU A 28 9.19 20.25 20.49
C LEU A 28 8.96 18.75 20.56
N LYS A 29 9.39 18.06 21.62
CA LYS A 29 9.14 16.60 21.75
C LYS A 29 7.62 16.38 21.77
N TYR A 30 6.87 17.28 22.40
CA TYR A 30 5.39 17.18 22.54
C TYR A 30 4.74 17.42 21.18
N LYS A 31 5.20 18.45 20.47
CA LYS A 31 4.72 18.76 19.09
C LYS A 31 5.01 17.52 18.26
N ARG A 32 6.23 16.98 18.26
CA ARG A 32 6.51 15.77 17.46
C ARG A 32 5.61 14.62 17.91
N ASN A 33 5.31 14.50 19.20
CA ASN A 33 4.49 13.39 19.74
C ASN A 33 3.06 13.53 19.19
N GLN A 34 2.50 14.74 19.27
CA GLN A 34 1.12 15.03 18.79
C GLN A 34 1.00 14.68 17.29
N GLU A 35 2.04 14.99 16.53
CA GLU A 35 2.14 14.75 15.07
C GLU A 35 2.19 13.25 14.78
N GLU A 36 3.02 12.48 15.48
CA GLU A 36 3.06 11.01 15.27
C GLU A 36 1.63 10.49 15.47
N ILE A 37 0.93 11.00 16.48
CA ILE A 37 -0.43 10.54 16.86
C ILE A 37 -1.42 10.85 15.74
N GLU A 38 -1.55 12.11 15.32
CA GLU A 38 -2.39 12.51 14.17
C GLU A 38 -2.11 11.63 12.95
N THR A 39 -0.85 11.39 12.63
CA THR A 39 -0.48 10.59 11.45
C THR A 39 -0.98 9.16 11.67
N TYR A 40 -0.79 8.57 12.84
CA TYR A 40 -1.22 7.17 13.06
C TYR A 40 -2.75 7.05 12.96
N TYR A 41 -3.49 7.98 13.54
CA TYR A 41 -4.96 7.78 13.58
C TYR A 41 -5.51 8.11 12.21
N GLU A 42 -5.03 9.17 11.57
CA GLU A 42 -5.46 9.52 10.19
C GLU A 42 -5.28 8.28 9.32
N TYR A 43 -4.08 7.72 9.29
CA TYR A 43 -3.77 6.65 8.29
C TYR A 43 -4.45 5.35 8.73
N THR A 44 -4.64 5.08 10.01
CA THR A 44 -5.29 3.83 10.46
C THR A 44 -6.79 3.88 10.13
N LEU A 45 -7.41 5.06 10.24
CA LEU A 45 -8.83 5.28 9.83
C LEU A 45 -8.97 5.10 8.31
N LYS A 46 -8.06 5.66 7.52
CA LYS A 46 -8.06 5.56 6.05
C LYS A 46 -8.02 4.08 5.66
N ILE A 47 -7.17 3.27 6.29
CA ILE A 47 -7.12 1.81 5.99
C ILE A 47 -8.49 1.23 6.26
N GLU A 48 -9.07 1.50 7.42
CA GLU A 48 -10.42 0.96 7.77
C GLU A 48 -11.40 1.31 6.64
N ALA A 49 -11.47 2.56 6.21
CA ALA A 49 -12.53 2.98 5.25
C ALA A 49 -12.32 2.30 3.89
N ILE A 50 -11.09 2.23 3.39
CA ILE A 50 -10.76 1.50 2.13
C ILE A 50 -11.01 -0.01 2.34
N ASN A 51 -10.58 -0.58 3.46
CA ASN A 51 -10.74 -2.05 3.65
C ASN A 51 -12.22 -2.41 3.59
N ASN A 52 -13.08 -1.58 4.19
CA ASN A 52 -14.53 -1.87 4.33
C ASN A 52 -15.24 -1.61 3.00
N GLU A 53 -14.81 -0.60 2.24
CA GLU A 53 -15.34 -0.32 0.89
C GLU A 53 -15.06 -1.53 -0.01
N MET A 54 -13.80 -1.97 -0.10
CA MET A 54 -13.42 -3.14 -0.94
C MET A 54 -14.27 -4.33 -0.56
N ARG A 55 -14.48 -4.60 0.72
CA ARG A 55 -15.25 -5.79 1.15
C ARG A 55 -16.65 -5.70 0.58
N LYS A 56 -17.26 -4.52 0.62
CA LYS A 56 -18.62 -4.27 0.09
C LYS A 56 -18.63 -4.66 -1.40
N PHE A 57 -17.70 -4.11 -2.17
CA PHE A 57 -17.56 -4.41 -3.62
C PHE A 57 -17.53 -5.92 -3.83
N ARG A 58 -16.66 -6.60 -3.08
CA ARG A 58 -16.48 -8.07 -3.15
C ARG A 58 -17.81 -8.76 -2.83
N HIS A 59 -18.55 -8.24 -1.85
CA HIS A 59 -19.87 -8.81 -1.45
C HIS A 59 -20.83 -8.69 -2.64
N ASP A 60 -20.95 -7.51 -3.25
CA ASP A 60 -21.83 -7.31 -4.43
C ASP A 60 -21.48 -8.35 -5.52
N TYR A 61 -20.18 -8.56 -5.77
CA TYR A 61 -19.72 -9.50 -6.82
C TYR A 61 -20.28 -10.90 -6.49
N VAL A 62 -20.17 -11.34 -5.25
CA VAL A 62 -20.49 -12.77 -4.92
C VAL A 62 -22.02 -12.92 -4.93
N ASN A 63 -22.75 -11.89 -4.51
CA ASN A 63 -24.23 -11.84 -4.62
C ASN A 63 -24.65 -12.09 -6.07
N ILE A 64 -23.98 -11.47 -7.03
CA ILE A 64 -24.37 -11.57 -8.46
C ILE A 64 -24.23 -13.03 -8.86
N LEU A 65 -23.16 -13.72 -8.46
CA LEU A 65 -22.98 -15.15 -8.81
C LEU A 65 -24.18 -15.93 -8.28
N THR A 66 -24.69 -15.59 -7.11
CA THR A 66 -25.77 -16.39 -6.48
C THR A 66 -27.13 -16.14 -7.15
N THR A 67 -27.32 -15.14 -8.01
CA THR A 67 -28.62 -14.93 -8.72
C THR A 67 -28.83 -16.03 -9.77
N LEU A 68 -27.83 -16.88 -10.02
CA LEU A 68 -27.95 -18.06 -10.94
C LEU A 68 -28.75 -19.17 -10.25
N SER A 69 -28.86 -19.15 -8.92
CA SER A 69 -29.33 -20.29 -8.07
C SER A 69 -30.72 -20.76 -8.53
N GLU A 70 -31.66 -19.81 -8.68
CA GLU A 70 -33.02 -20.04 -9.24
C GLU A 70 -32.91 -20.97 -10.44
N TYR A 71 -32.25 -20.50 -11.50
CA TYR A 71 -32.12 -21.21 -12.80
C TYR A 71 -31.61 -22.64 -12.57
N ILE A 72 -30.66 -22.86 -11.65
CA ILE A 72 -30.08 -24.21 -11.39
C ILE A 72 -31.16 -25.11 -10.76
N ARG A 73 -31.86 -24.60 -9.73
CA ARG A 73 -32.83 -25.42 -8.96
C ARG A 73 -33.99 -25.80 -9.91
N GLU A 74 -34.38 -24.89 -10.80
CA GLU A 74 -35.45 -25.14 -11.80
C GLU A 74 -34.92 -26.01 -12.96
N ASP A 75 -33.65 -26.43 -12.94
CA ASP A 75 -33.01 -27.21 -14.03
C ASP A 75 -33.17 -26.53 -15.39
N ASP A 76 -33.25 -25.19 -15.41
CA ASP A 76 -33.61 -24.33 -16.58
C ASP A 76 -32.35 -23.72 -17.24
N MET A 77 -31.66 -24.47 -18.11
CA MET A 77 -30.40 -23.99 -18.75
C MET A 77 -30.66 -22.83 -19.71
N PRO A 78 -31.68 -22.89 -20.60
CA PRO A 78 -32.09 -21.72 -21.38
C PRO A 78 -32.28 -20.40 -20.64
N GLY A 79 -32.82 -20.39 -19.42
CA GLY A 79 -33.00 -19.15 -18.64
C GLY A 79 -31.68 -18.66 -18.05
N LEU A 80 -30.79 -19.60 -17.67
CA LEU A 80 -29.43 -19.35 -17.13
C LEU A 80 -28.56 -18.73 -18.23
N ARG A 81 -28.29 -19.50 -19.28
CA ARG A 81 -27.60 -19.02 -20.51
C ARG A 81 -28.12 -17.62 -20.85
N ASP A 82 -29.43 -17.41 -20.91
CA ASP A 82 -29.98 -16.08 -21.28
C ASP A 82 -29.56 -15.03 -20.25
N TYR A 83 -29.70 -15.33 -18.95
CA TYR A 83 -29.48 -14.37 -17.83
C TYR A 83 -27.98 -14.03 -17.70
N PHE A 84 -27.18 -15.09 -17.65
CA PHE A 84 -25.70 -15.04 -17.65
C PHE A 84 -25.17 -14.22 -18.82
N ASN A 85 -25.44 -14.60 -20.08
CA ASN A 85 -24.86 -13.96 -21.29
C ASN A 85 -25.35 -12.52 -21.44
N LYS A 86 -26.17 -12.01 -20.51
CA LYS A 86 -26.85 -10.71 -20.65
C LYS A 86 -26.53 -9.80 -19.46
N ASN A 87 -26.17 -10.38 -18.32
CA ASN A 87 -26.04 -9.67 -17.02
C ASN A 87 -24.70 -9.95 -16.36
N ILE A 88 -24.14 -11.14 -16.51
CA ILE A 88 -22.97 -11.58 -15.70
C ILE A 88 -21.72 -11.58 -16.57
N VAL A 89 -21.77 -12.21 -17.73
CA VAL A 89 -20.56 -12.46 -18.58
C VAL A 89 -19.89 -11.15 -19.02
N PRO A 90 -20.62 -10.03 -19.30
CA PRO A 90 -19.98 -8.76 -19.62
C PRO A 90 -19.09 -8.19 -18.51
N MET A 91 -19.30 -8.61 -17.26
CA MET A 91 -18.42 -8.16 -16.15
C MET A 91 -17.01 -8.54 -16.52
N LYS A 92 -16.79 -9.75 -17.04
CA LYS A 92 -15.43 -10.29 -17.23
C LYS A 92 -14.70 -9.49 -18.30
N ASP A 93 -15.41 -8.77 -19.18
CA ASP A 93 -14.78 -7.87 -20.17
C ASP A 93 -14.39 -6.56 -19.45
N ASN A 94 -15.33 -5.96 -18.71
CA ASN A 94 -15.10 -4.76 -17.87
C ASN A 94 -13.92 -5.04 -16.91
N LEU A 95 -13.81 -6.25 -16.36
CA LEU A 95 -12.70 -6.60 -15.43
C LEU A 95 -11.38 -6.72 -16.19
N GLN A 96 -11.39 -7.24 -17.40
CA GLN A 96 -10.16 -7.39 -18.22
C GLN A 96 -9.70 -6.00 -18.65
N MET A 97 -10.64 -5.12 -19.02
CA MET A 97 -10.30 -3.70 -19.34
C MET A 97 -9.74 -3.01 -18.10
N ASN A 98 -10.43 -3.14 -16.95
CA ASN A 98 -9.99 -2.63 -15.63
C ASN A 98 -8.52 -3.02 -15.39
N ALA A 99 -8.15 -4.29 -15.56
CA ALA A 99 -6.76 -4.78 -15.31
C ALA A 99 -5.80 -4.11 -16.28
N ILE A 100 -6.18 -3.97 -17.55
CA ILE A 100 -5.37 -3.25 -18.57
C ILE A 100 -5.14 -1.82 -18.07
N LYS A 101 -6.17 -1.06 -17.66
CA LYS A 101 -5.95 0.37 -17.32
C LYS A 101 -4.93 0.50 -16.18
N LEU A 102 -4.92 -0.43 -15.23
CA LEU A 102 -3.98 -0.42 -14.08
C LEU A 102 -2.53 -0.53 -14.55
N ASN A 103 -2.26 -1.08 -15.74
CA ASN A 103 -0.85 -1.15 -16.20
C ASN A 103 -0.34 0.24 -16.51
N GLY A 104 -1.22 1.25 -16.55
CA GLY A 104 -0.86 2.67 -16.76
C GLY A 104 -0.03 3.25 -15.63
N ILE A 105 0.16 2.53 -14.53
CA ILE A 105 0.80 3.08 -13.33
C ILE A 105 2.23 2.52 -13.20
N GLU A 106 2.70 1.70 -14.13
CA GLU A 106 4.00 1.01 -13.95
CA GLU A 106 4.01 1.01 -14.07
C GLU A 106 5.13 2.05 -14.00
N ASN A 107 5.00 3.14 -14.76
CA ASN A 107 6.09 4.15 -14.78
C ASN A 107 6.15 4.94 -13.47
N LEU A 108 5.21 4.78 -12.53
CA LEU A 108 5.33 5.45 -11.20
C LEU A 108 6.31 4.66 -10.32
N LYS A 109 7.55 5.12 -10.21
CA LYS A 109 8.63 4.42 -9.45
C LYS A 109 8.90 5.17 -8.13
N VAL A 110 7.85 5.77 -7.55
CA VAL A 110 7.80 6.42 -6.21
C VAL A 110 6.92 5.52 -5.32
N ARG A 111 7.50 4.44 -4.80
CA ARG A 111 6.73 3.41 -4.03
C ARG A 111 5.87 4.07 -2.94
N GLU A 112 6.40 5.08 -2.26
CA GLU A 112 5.67 5.92 -1.28
C GLU A 112 4.21 6.10 -1.70
N ILE A 113 3.91 6.42 -2.96
CA ILE A 113 2.53 6.84 -3.34
C ILE A 113 1.85 5.88 -4.32
N LYS A 114 2.51 4.79 -4.71
CA LYS A 114 1.97 3.89 -5.74
C LYS A 114 0.74 3.18 -5.18
N GLY A 115 0.81 2.69 -3.94
CA GLY A 115 -0.33 2.05 -3.26
C GLY A 115 -1.50 3.03 -3.18
N LEU A 116 -1.23 4.26 -2.76
CA LEU A 116 -2.30 5.27 -2.62
C LEU A 116 -3.04 5.41 -3.95
N ILE A 117 -2.29 5.52 -5.05
CA ILE A 117 -2.86 5.84 -6.39
C ILE A 117 -3.63 4.63 -6.92
N THR A 118 -3.03 3.43 -6.83
CA THR A 118 -3.68 2.20 -7.24
C THR A 118 -5.02 2.10 -6.49
N ALA A 119 -5.02 2.33 -5.18
CA ALA A 119 -6.24 2.21 -4.36
C ALA A 119 -7.33 3.17 -4.87
N LYS A 120 -7.00 4.39 -5.29
CA LYS A 120 -8.04 5.33 -5.79
C LYS A 120 -8.51 4.81 -7.15
N ILE A 121 -7.65 4.13 -7.89
CA ILE A 121 -8.01 3.71 -9.26
C ILE A 121 -8.98 2.55 -9.09
N LEU A 122 -8.66 1.60 -8.20
CA LEU A 122 -9.55 0.42 -7.95
C LEU A 122 -10.92 0.96 -7.50
N ARG A 123 -10.91 2.02 -6.71
CA ARG A 123 -12.14 2.56 -6.07
C ARG A 123 -13.01 3.14 -7.19
N ALA A 124 -12.41 3.92 -8.08
CA ALA A 124 -13.12 4.58 -9.20
C ALA A 124 -13.69 3.50 -10.13
N GLN A 125 -12.87 2.48 -10.41
CA GLN A 125 -13.25 1.36 -11.30
C GLN A 125 -14.46 0.64 -10.72
N GLU A 126 -14.44 0.33 -9.42
CA GLU A 126 -15.53 -0.45 -8.77
C GLU A 126 -16.76 0.45 -8.62
N MET A 127 -16.62 1.78 -8.66
CA MET A 127 -17.77 2.72 -8.73
C MET A 127 -18.16 2.96 -10.19
N ASN A 128 -17.57 2.21 -11.11
CA ASN A 128 -17.89 2.30 -12.56
C ASN A 128 -17.74 3.75 -12.99
N ILE A 129 -16.64 4.41 -12.57
CA ILE A 129 -16.21 5.74 -13.09
C ILE A 129 -15.03 5.51 -14.02
N PRO A 130 -15.17 5.74 -15.34
CA PRO A 130 -14.05 5.64 -16.26
C PRO A 130 -12.84 6.42 -15.75
N ILE A 131 -11.70 5.76 -15.60
CA ILE A 131 -10.45 6.41 -15.13
C ILE A 131 -9.28 5.91 -15.96
N SER A 132 -8.38 6.83 -16.32
CA SER A 132 -7.10 6.53 -17.01
C SER A 132 -5.95 7.20 -16.26
N ILE A 133 -4.77 6.56 -16.26
CA ILE A 133 -3.52 7.19 -15.74
C ILE A 133 -2.41 7.11 -16.81
N GLU A 134 -1.77 8.27 -17.03
CA GLU A 134 -0.69 8.46 -18.04
C GLU A 134 0.57 8.94 -17.34
N ILE A 135 1.62 8.13 -17.45
CA ILE A 135 2.97 8.48 -16.93
C ILE A 135 3.97 8.17 -18.04
N PRO A 136 4.07 9.06 -19.06
CA PRO A 136 4.85 8.79 -20.27
C PRO A 136 6.30 8.36 -20.04
N ASP A 137 7.00 8.97 -19.07
CA ASP A 137 8.37 8.63 -18.65
C ASP A 137 8.36 8.19 -17.17
N GLU A 138 9.26 7.28 -16.80
CA GLU A 138 9.47 6.85 -15.40
C GLU A 138 9.60 8.09 -14.53
N VAL A 139 9.01 8.04 -13.33
CA VAL A 139 9.12 9.09 -12.28
C VAL A 139 9.56 8.41 -10.99
N SER A 140 10.78 8.69 -10.53
CA SER A 140 11.44 7.90 -9.46
C SER A 140 11.72 8.77 -8.25
N SER A 141 11.38 10.06 -8.34
CA SER A 141 11.75 11.07 -7.33
C SER A 141 10.76 12.24 -7.39
N ILE A 142 10.03 12.49 -6.30
CA ILE A 142 9.24 13.74 -6.12
C ILE A 142 9.70 14.43 -4.83
N ASN A 143 9.96 15.75 -4.93
CA ASN A 143 10.66 16.56 -3.89
C ASN A 143 9.62 17.16 -2.95
N LEU A 144 8.83 16.31 -2.31
CA LEU A 144 7.92 16.75 -1.22
C LEU A 144 7.76 15.59 -0.26
N ASN A 145 7.72 15.89 1.03
CA ASN A 145 7.60 14.86 2.10
C ASN A 145 6.42 13.94 1.75
N MET A 146 6.74 12.65 1.58
CA MET A 146 5.87 11.48 1.76
C MET A 146 4.46 11.88 2.22
N ILE A 147 4.36 12.47 3.38
CA ILE A 147 3.06 12.63 4.11
C ILE A 147 2.24 13.69 3.40
N ASP A 148 2.85 14.82 3.05
CA ASP A 148 2.15 15.96 2.40
C ASP A 148 1.82 15.60 0.95
N LEU A 149 2.74 14.99 0.20
CA LEU A 149 2.48 14.45 -1.16
C LEU A 149 1.24 13.54 -1.10
N SER A 150 1.28 12.56 -0.19
CA SER A 150 0.21 11.56 0.06
C SER A 150 -1.11 12.28 0.38
N ARG A 151 -1.12 13.27 1.26
CA ARG A 151 -2.37 14.00 1.63
C ARG A 151 -2.90 14.78 0.41
N SER A 152 -2.03 15.43 -0.35
CA SER A 152 -2.36 16.22 -1.55
C SER A 152 -3.05 15.35 -2.61
N ILE A 153 -2.35 14.29 -3.02
CA ILE A 153 -2.83 13.29 -4.03
C ILE A 153 -4.20 12.73 -3.62
N GLY A 154 -4.28 12.22 -2.40
CA GLY A 154 -5.54 11.71 -1.81
C GLY A 154 -6.69 12.71 -1.96
N ILE A 155 -6.51 13.97 -1.61
CA ILE A 155 -7.61 14.97 -1.60
C ILE A 155 -8.10 15.15 -3.04
N ILE A 156 -7.14 15.41 -3.93
CA ILE A 156 -7.42 15.66 -5.36
C ILE A 156 -8.15 14.45 -5.95
N LEU A 157 -7.66 13.24 -5.71
CA LEU A 157 -8.27 12.03 -6.33
C LEU A 157 -9.64 11.81 -5.69
N ASP A 158 -9.76 11.94 -4.37
CA ASP A 158 -11.07 11.79 -3.66
C ASP A 158 -12.04 12.87 -4.13
N ASN A 159 -11.54 14.09 -4.41
CA ASN A 159 -12.42 15.15 -4.94
C ASN A 159 -12.92 14.69 -6.31
N ALA A 160 -12.01 14.28 -7.19
CA ALA A 160 -12.40 13.90 -8.56
C ALA A 160 -13.43 12.77 -8.47
N ILE A 161 -13.27 11.87 -7.52
CA ILE A 161 -14.16 10.69 -7.44
C ILE A 161 -15.53 11.12 -6.90
N GLU A 162 -15.63 11.87 -5.82
CA GLU A 162 -16.97 12.22 -5.25
C GLU A 162 -17.77 13.04 -6.28
N ALA A 163 -17.10 13.95 -6.98
CA ALA A 163 -17.71 14.86 -7.96
C ALA A 163 -18.24 14.06 -9.16
N SER A 164 -17.75 12.83 -9.33
CA SER A 164 -18.00 11.97 -10.51
C SER A 164 -19.19 11.03 -10.25
N THR A 165 -19.62 10.85 -9.00
CA THR A 165 -20.69 9.89 -8.60
C THR A 165 -22.08 10.34 -9.11
N GLU A 166 -22.32 11.64 -9.22
CA GLU A 166 -23.65 12.21 -9.59
C GLU A 166 -23.83 12.15 -11.11
N ILE A 167 -22.74 12.34 -11.84
CA ILE A 167 -22.71 12.67 -13.30
C ILE A 167 -23.13 11.45 -14.13
N ASP A 168 -23.60 11.70 -15.36
CA ASP A 168 -24.15 10.69 -16.30
C ASP A 168 -22.98 9.97 -17.00
N ASP A 169 -22.06 10.75 -17.59
CA ASP A 169 -20.84 10.25 -18.28
C ASP A 169 -19.62 10.83 -17.59
N PRO A 170 -19.19 10.25 -16.44
CA PRO A 170 -17.99 10.74 -15.76
C PRO A 170 -16.74 10.21 -16.47
N ILE A 171 -15.69 11.02 -16.49
CA ILE A 171 -14.29 10.60 -16.78
C ILE A 171 -13.38 11.31 -15.78
N ILE A 172 -12.40 10.56 -15.24
CA ILE A 172 -11.23 11.10 -14.51
C ILE A 172 -9.99 10.72 -15.32
N ARG A 173 -9.11 11.68 -15.56
CA ARG A 173 -7.78 11.46 -16.17
C ARG A 173 -6.74 11.88 -15.14
N VAL A 174 -5.71 11.05 -14.96
CA VAL A 174 -4.59 11.27 -14.02
C VAL A 174 -3.29 11.28 -14.84
N ALA A 175 -2.34 12.13 -14.47
CA ALA A 175 -1.00 12.11 -15.11
C ALA A 175 0.07 12.57 -14.13
N PHE A 176 1.24 11.95 -14.28
CA PHE A 176 2.56 12.40 -13.79
C PHE A 176 3.49 12.70 -14.99
N ILE A 177 3.87 13.96 -15.17
CA ILE A 177 4.95 14.33 -16.13
C ILE A 177 6.15 14.89 -15.35
N GLU A 178 7.33 14.64 -15.91
CA GLU A 178 8.65 15.13 -15.43
C GLU A 178 9.35 15.85 -16.58
N SER A 179 9.65 17.14 -16.41
CA SER A 179 10.77 17.82 -17.11
C SER A 179 12.09 17.37 -16.44
N GLU A 180 13.21 18.06 -16.68
CA GLU A 180 14.47 17.90 -15.90
C GLU A 180 14.43 18.87 -14.71
N ASN A 181 13.61 19.93 -14.82
CA ASN A 181 13.32 20.96 -13.78
C ASN A 181 12.53 20.36 -12.59
N SER A 182 11.34 19.79 -12.85
CA SER A 182 10.32 19.48 -11.82
C SER A 182 9.39 18.32 -12.23
N VAL A 183 8.50 17.93 -11.32
CA VAL A 183 7.45 16.87 -11.51
C VAL A 183 6.10 17.52 -11.34
N THR A 184 5.15 17.21 -12.22
CA THR A 184 3.78 17.76 -12.17
C THR A 184 2.76 16.63 -12.15
N PHE A 185 1.78 16.75 -11.24
CA PHE A 185 0.69 15.79 -10.99
C PHE A 185 -0.63 16.45 -11.36
N ILE A 186 -1.34 15.85 -12.33
CA ILE A 186 -2.59 16.42 -12.92
C ILE A 186 -3.74 15.42 -12.76
N VAL A 187 -4.90 15.93 -12.32
CA VAL A 187 -6.18 15.17 -12.29
C VAL A 187 -7.30 16.02 -12.94
N MET A 188 -7.69 15.63 -14.15
CA MET A 188 -8.84 16.20 -14.89
C MET A 188 -10.08 15.42 -14.47
N ASN A 189 -11.21 16.07 -14.28
CA ASN A 189 -12.49 15.32 -14.20
C ASN A 189 -13.62 16.13 -14.83
N LYS A 190 -14.61 15.45 -15.43
CA LYS A 190 -15.73 16.13 -16.11
C LYS A 190 -16.58 16.80 -15.02
N CYS A 191 -16.81 18.12 -15.18
CA CYS A 191 -17.73 18.94 -14.36
C CYS A 191 -19.17 18.44 -14.57
N ALA A 192 -20.03 18.53 -13.56
CA ALA A 192 -21.45 18.13 -13.67
C ALA A 192 -22.27 19.19 -14.43
N ASP A 193 -23.41 18.77 -14.99
CA ASP A 193 -24.41 19.65 -15.66
C ASP A 193 -25.45 20.02 -14.61
N ASP A 194 -26.17 19.03 -14.08
CA ASP A 194 -27.05 19.22 -12.90
C ASP A 194 -26.14 19.65 -11.74
N ILE A 195 -26.40 20.82 -11.16
CA ILE A 195 -25.68 21.33 -9.97
C ILE A 195 -26.46 20.91 -8.74
N PRO A 196 -25.81 20.34 -7.71
CA PRO A 196 -26.54 19.86 -6.53
C PRO A 196 -27.33 20.99 -5.88
N ARG A 197 -28.51 20.67 -5.31
CA ARG A 197 -29.21 21.54 -4.32
C ARG A 197 -28.21 21.82 -3.18
N ILE A 198 -28.23 23.02 -2.59
CA ILE A 198 -27.28 23.48 -1.51
C ILE A 198 -27.37 22.52 -0.31
N HIS A 199 -28.57 22.09 0.05
CA HIS A 199 -28.84 21.32 1.29
C HIS A 199 -28.33 19.87 1.14
N GLU A 200 -28.23 19.37 -0.09
CA GLU A 200 -27.65 18.04 -0.41
C GLU A 200 -26.14 18.17 -0.67
N LEU A 201 -25.43 19.01 0.10
CA LEU A 201 -23.97 19.27 -0.07
C LEU A 201 -23.34 19.77 1.23
N PHE A 202 -24.12 20.30 2.19
CA PHE A 202 -23.62 20.87 3.47
C PHE A 202 -24.08 19.99 4.66
N GLN A 203 -23.28 20.01 5.74
CA GLN A 203 -23.46 19.21 7.00
C GLN A 203 -23.54 20.17 8.20
N ARG A 213 -14.85 18.36 0.55
CA ARG A 213 -14.09 18.71 -0.69
C ARG A 213 -13.57 20.16 -0.60
N GLY A 214 -14.44 21.13 -0.25
CA GLY A 214 -14.12 22.57 -0.16
C GLY A 214 -13.23 22.89 1.03
N LEU A 215 -13.45 22.22 2.17
CA LEU A 215 -12.56 22.22 3.37
C LEU A 215 -11.21 21.60 2.99
N GLY A 216 -11.22 20.49 2.24
CA GLY A 216 -10.03 19.69 1.84
C GLY A 216 -9.14 20.38 0.81
N LEU A 217 -9.74 21.17 -0.11
CA LEU A 217 -9.07 22.04 -1.12
C LEU A 217 -8.26 23.15 -0.42
N SER A 218 -8.67 23.56 0.80
CA SER A 218 -8.02 24.66 1.58
C SER A 218 -6.86 24.08 2.40
N THR A 219 -7.03 22.89 3.00
CA THR A 219 -5.92 22.18 3.69
C THR A 219 -5.03 21.48 2.65
N LEU A 220 -5.28 21.71 1.36
CA LEU A 220 -4.35 21.41 0.24
C LEU A 220 -3.53 22.68 -0.05
N LYS A 221 -4.20 23.84 -0.14
CA LYS A 221 -3.56 25.18 -0.29
C LYS A 221 -2.60 25.38 0.90
N GLU A 222 -3.04 25.00 2.10
CA GLU A 222 -2.22 24.91 3.34
C GLU A 222 -0.86 24.30 2.98
N ILE A 223 -0.85 23.11 2.35
CA ILE A 223 0.37 22.32 2.07
C ILE A 223 1.18 22.98 0.97
N ALA A 224 0.51 23.57 -0.02
CA ALA A 224 1.16 24.22 -1.19
C ALA A 224 1.82 25.53 -0.75
N ASP A 225 1.15 26.30 0.10
CA ASP A 225 1.66 27.60 0.60
C ASP A 225 2.92 27.33 1.44
N ASN A 226 2.89 26.30 2.30
CA ASN A 226 3.99 25.93 3.24
C ASN A 226 5.02 25.05 2.53
N ALA A 227 5.20 25.23 1.21
CA ALA A 227 6.39 24.80 0.45
C ALA A 227 6.51 25.67 -0.80
N ASP A 228 7.67 26.30 -0.98
CA ASP A 228 7.91 27.31 -2.04
C ASP A 228 8.06 26.59 -3.38
N ASN A 229 8.45 25.31 -3.33
CA ASN A 229 8.81 24.49 -4.52
C ASN A 229 7.58 23.75 -5.06
N VAL A 230 6.42 23.81 -4.36
CA VAL A 230 5.15 23.20 -4.83
C VAL A 230 4.19 24.31 -5.28
N LEU A 231 3.83 24.28 -6.55
CA LEU A 231 2.90 25.22 -7.22
C LEU A 231 1.59 24.46 -7.48
N LEU A 232 0.50 24.96 -6.89
CA LEU A 232 -0.89 24.46 -7.06
C LEU A 232 -1.58 25.30 -8.14
N ASP A 233 -2.25 24.67 -9.11
CA ASP A 233 -3.14 25.37 -10.07
C ASP A 233 -4.50 24.67 -10.14
N THR A 234 -5.56 25.47 -10.20
CA THR A 234 -6.97 25.05 -10.37
C THR A 234 -7.53 25.70 -11.64
N ILE A 235 -7.92 24.88 -12.61
CA ILE A 235 -8.36 25.33 -13.97
C ILE A 235 -9.74 24.75 -14.27
N ILE A 236 -10.59 25.55 -14.93
CA ILE A 236 -11.79 25.05 -15.67
C ILE A 236 -11.60 25.41 -17.14
N GLU A 237 -11.78 24.41 -18.00
CA GLU A 237 -11.35 24.42 -19.43
C GLU A 237 -12.17 23.36 -20.17
N ASN A 238 -13.07 23.80 -21.06
CA ASN A 238 -13.91 22.93 -21.92
C ASN A 238 -14.69 21.94 -21.03
N GLY A 239 -15.19 22.40 -19.88
CA GLY A 239 -16.12 21.63 -19.02
C GLY A 239 -15.41 20.61 -18.13
N PHE A 240 -14.13 20.84 -17.80
CA PHE A 240 -13.31 19.95 -16.93
C PHE A 240 -12.69 20.76 -15.78
N PHE A 241 -12.77 20.21 -14.57
CA PHE A 241 -11.98 20.67 -13.40
C PHE A 241 -10.59 20.03 -13.47
N ILE A 242 -9.56 20.86 -13.69
CA ILE A 242 -8.14 20.42 -13.71
C ILE A 242 -7.44 20.93 -12.44
N GLN A 243 -6.83 20.00 -11.71
CA GLN A 243 -5.98 20.24 -10.52
C GLN A 243 -4.56 19.80 -10.89
N LYS A 244 -3.66 20.78 -10.95
CA LYS A 244 -2.22 20.60 -11.26
C LYS A 244 -1.44 20.83 -9.96
N VAL A 245 -0.44 20.02 -9.67
CA VAL A 245 0.55 20.38 -8.60
C VAL A 245 1.94 20.12 -9.17
N GLU A 246 2.75 21.19 -9.27
CA GLU A 246 4.14 21.15 -9.73
C GLU A 246 5.02 21.13 -8.49
N ILE A 247 6.00 20.24 -8.47
CA ILE A 247 6.93 20.04 -7.34
C ILE A 247 8.33 20.13 -7.93
N ILE A 248 9.04 21.25 -7.66
CA ILE A 248 10.36 21.56 -8.27
C ILE A 248 11.45 20.86 -7.46
N ASN A 249 12.52 20.44 -8.15
CA ASN A 249 13.72 19.77 -7.55
C ASN A 249 14.69 20.81 -6.94
N ASN A 250 14.31 22.09 -6.92
CA ASN A 250 14.86 23.15 -6.02
C ASN A 250 14.49 22.83 -4.56
N GLY B 1 41.88 28.77 43.71
CA GLY B 1 41.95 27.38 44.27
C GLY B 1 40.78 26.55 43.81
N SER B 2 40.39 25.51 44.56
CA SER B 2 39.36 24.54 44.11
C SER B 2 37.99 25.20 43.93
N HIS B 3 37.71 26.38 44.50
CA HIS B 3 36.45 27.13 44.22
C HIS B 3 36.52 27.66 42.79
N MET B 4 37.51 28.50 42.49
CA MET B 4 37.78 28.94 41.10
C MET B 4 37.85 27.73 40.16
N LYS B 5 38.72 26.76 40.39
CA LYS B 5 38.72 25.58 39.49
C LYS B 5 37.26 25.20 39.22
N GLN B 6 36.52 24.75 40.24
CA GLN B 6 35.14 24.18 40.12
C GLN B 6 34.24 25.18 39.38
N LEU B 7 34.35 26.49 39.62
CA LEU B 7 33.48 27.53 39.03
C LEU B 7 33.78 27.66 37.54
N GLU B 8 35.06 27.69 37.17
CA GLU B 8 35.54 27.70 35.77
C GLU B 8 35.12 26.38 35.09
N ASP B 9 35.39 25.23 35.72
CA ASP B 9 34.86 23.94 35.17
C ASP B 9 33.35 24.08 34.96
N LYS B 10 32.62 24.71 35.88
CA LYS B 10 31.15 24.80 35.77
C LYS B 10 30.85 25.55 34.48
N VAL B 11 31.39 26.76 34.28
CA VAL B 11 31.03 27.62 33.10
C VAL B 11 31.34 26.83 31.82
N GLU B 12 32.42 26.06 31.79
CA GLU B 12 32.72 25.11 30.69
C GLU B 12 31.57 24.09 30.53
N GLU B 13 31.35 23.20 31.50
CA GLU B 13 30.28 22.13 31.48
C GLU B 13 28.93 22.70 30.99
N LEU B 14 28.47 23.80 31.57
CA LEU B 14 27.21 24.48 31.15
C LEU B 14 27.28 24.89 29.67
N LEU B 15 28.42 25.40 29.16
CA LEU B 15 28.57 25.75 27.71
C LEU B 15 28.39 24.48 26.84
N SER B 16 29.06 23.35 27.17
CA SER B 16 28.89 22.04 26.47
C SER B 16 27.40 21.70 26.41
N LYS B 17 26.76 21.69 27.59
CA LYS B 17 25.33 21.37 27.79
C LYS B 17 24.48 22.26 26.87
N ASN B 18 24.70 23.58 26.89
CA ASN B 18 23.98 24.59 26.07
C ASN B 18 24.16 24.24 24.59
N TYR B 19 25.34 23.77 24.22
CA TYR B 19 25.67 23.33 22.83
C TYR B 19 24.80 22.11 22.49
N HIS B 20 24.86 21.03 23.25
CA HIS B 20 24.09 19.78 22.96
C HIS B 20 22.56 20.04 22.98
N LEU B 21 22.07 21.01 23.75
CA LEU B 21 20.61 21.28 23.80
C LEU B 21 20.26 22.06 22.53
N GLU B 22 21.13 22.96 22.14
CA GLU B 22 21.00 23.77 20.90
C GLU B 22 20.95 22.80 19.71
N ASN B 23 21.74 21.72 19.74
CA ASN B 23 21.74 20.66 18.69
C ASN B 23 20.44 19.86 18.76
N GLU B 24 19.94 19.52 19.96
CA GLU B 24 18.67 18.76 20.06
C GLU B 24 17.55 19.68 19.56
N VAL B 25 17.50 20.95 19.95
CA VAL B 25 16.43 21.85 19.39
C VAL B 25 16.48 21.77 17.86
N ALA B 26 17.68 21.81 17.29
CA ALA B 26 17.87 21.92 15.83
C ALA B 26 17.41 20.60 15.18
N ARG B 27 17.82 19.45 15.71
CA ARG B 27 17.36 18.14 15.17
C ARG B 27 15.81 18.11 15.22
N LEU B 28 15.18 18.50 16.32
CA LEU B 28 13.70 18.35 16.47
C LEU B 28 13.00 19.35 15.56
N LYS B 29 13.60 20.51 15.29
CA LYS B 29 12.97 21.51 14.38
C LYS B 29 13.13 21.15 12.91
N TYR B 30 14.17 20.41 12.48
CA TYR B 30 14.63 20.44 11.06
C TYR B 30 14.89 19.05 10.46
N LYS B 31 15.42 18.09 11.21
CA LYS B 31 15.57 16.69 10.70
C LYS B 31 14.19 15.99 10.66
N ARG B 32 14.12 14.92 9.87
CA ARG B 32 12.85 14.21 9.56
C ARG B 32 12.52 13.41 10.82
N ASN B 33 11.22 13.30 11.12
CA ASN B 33 10.71 12.43 12.21
C ASN B 33 10.71 10.99 11.69
N GLN B 34 11.78 10.22 11.96
CA GLN B 34 11.94 8.82 11.52
C GLN B 34 10.71 8.00 11.90
N GLU B 35 10.13 8.28 13.07
CA GLU B 35 9.00 7.48 13.65
C GLU B 35 7.74 7.74 12.83
N GLU B 36 7.46 9.00 12.51
CA GLU B 36 6.29 9.39 11.69
C GLU B 36 6.46 8.76 10.32
N ILE B 37 7.66 8.74 9.78
CA ILE B 37 7.94 8.12 8.46
C ILE B 37 7.74 6.60 8.57
N GLU B 38 8.10 6.00 9.68
CA GLU B 38 7.92 4.54 9.80
C GLU B 38 6.42 4.24 9.85
N THR B 39 5.63 5.09 10.52
CA THR B 39 4.15 4.92 10.56
C THR B 39 3.61 4.99 9.12
N TYR B 40 4.15 5.88 8.30
CA TYR B 40 3.67 6.10 6.92
C TYR B 40 4.05 4.89 6.07
N TYR B 41 5.27 4.35 6.19
CA TYR B 41 5.66 3.13 5.43
C TYR B 41 4.70 2.01 5.80
N GLU B 42 4.43 1.83 7.09
CA GLU B 42 3.59 0.71 7.57
C GLU B 42 2.18 0.86 7.01
N TYR B 43 1.72 2.09 6.84
CA TYR B 43 0.39 2.38 6.25
C TYR B 43 0.43 1.94 4.80
N THR B 44 1.49 2.25 4.08
CA THR B 44 1.62 1.90 2.64
C THR B 44 1.58 0.37 2.49
N LEU B 45 2.14 -0.39 3.44
CA LEU B 45 2.17 -1.87 3.33
C LEU B 45 0.75 -2.44 3.45
N LYS B 46 -0.09 -1.78 4.27
CA LYS B 46 -1.50 -2.20 4.49
C LYS B 46 -2.28 -1.96 3.20
N ILE B 47 -2.07 -0.81 2.56
CA ILE B 47 -2.94 -0.42 1.42
C ILE B 47 -2.50 -1.25 0.20
N GLU B 48 -1.22 -1.48 0.01
CA GLU B 48 -0.75 -2.51 -0.96
C GLU B 48 -1.42 -3.86 -0.67
N ALA B 49 -1.48 -4.34 0.56
CA ALA B 49 -2.15 -5.64 0.81
C ALA B 49 -3.61 -5.56 0.30
N ILE B 50 -4.33 -4.51 0.67
CA ILE B 50 -5.76 -4.32 0.34
C ILE B 50 -5.91 -4.31 -1.18
N ASN B 51 -5.02 -3.58 -1.86
CA ASN B 51 -5.06 -3.46 -3.34
C ASN B 51 -4.84 -4.85 -3.94
N ASN B 52 -3.86 -5.60 -3.44
CA ASN B 52 -3.46 -6.91 -4.02
C ASN B 52 -4.55 -7.93 -3.70
N GLU B 53 -5.23 -7.81 -2.56
CA GLU B 53 -6.40 -8.67 -2.26
C GLU B 53 -7.48 -8.43 -3.33
N MET B 54 -7.76 -7.19 -3.71
CA MET B 54 -8.90 -6.90 -4.60
C MET B 54 -8.53 -7.36 -6.01
N ARG B 55 -7.26 -7.22 -6.40
CA ARG B 55 -6.76 -7.70 -7.72
C ARG B 55 -6.86 -9.23 -7.79
N LYS B 56 -6.41 -9.96 -6.76
CA LYS B 56 -6.53 -11.43 -6.71
C LYS B 56 -8.01 -11.79 -6.87
N PHE B 57 -8.87 -11.11 -6.14
CA PHE B 57 -10.33 -11.38 -6.19
C PHE B 57 -10.83 -11.21 -7.61
N ARG B 58 -10.42 -10.14 -8.28
CA ARG B 58 -10.81 -9.88 -9.69
C ARG B 58 -10.29 -11.02 -10.57
N HIS B 59 -9.03 -11.40 -10.43
CA HIS B 59 -8.44 -12.53 -11.21
CA HIS B 59 -8.48 -12.51 -11.26
C HIS B 59 -9.26 -13.81 -10.93
N ASP B 60 -9.53 -14.08 -9.66
CA ASP B 60 -10.26 -15.31 -9.28
C ASP B 60 -11.66 -15.28 -9.91
N TYR B 61 -12.35 -14.14 -9.87
CA TYR B 61 -13.78 -14.06 -10.27
C TYR B 61 -13.90 -14.29 -11.79
N VAL B 62 -13.08 -13.57 -12.54
CA VAL B 62 -12.92 -13.79 -14.00
C VAL B 62 -12.81 -15.30 -14.31
N ASN B 63 -11.98 -16.05 -13.58
CA ASN B 63 -11.84 -17.51 -13.81
C ASN B 63 -13.16 -18.22 -13.48
N ILE B 64 -13.86 -17.82 -12.42
CA ILE B 64 -15.20 -18.37 -12.12
C ILE B 64 -16.15 -18.06 -13.29
N LEU B 65 -16.12 -16.84 -13.85
CA LEU B 65 -16.96 -16.47 -15.02
C LEU B 65 -16.59 -17.32 -16.27
N THR B 66 -15.31 -17.57 -16.51
CA THR B 66 -14.80 -18.46 -17.59
C THR B 66 -15.36 -19.88 -17.46
N THR B 67 -15.19 -20.49 -16.29
CA THR B 67 -15.71 -21.83 -15.89
C THR B 67 -17.22 -21.93 -16.13
N LEU B 68 -18.00 -20.96 -15.63
CA LEU B 68 -19.46 -20.94 -15.82
C LEU B 68 -19.74 -20.90 -17.31
N SER B 69 -19.19 -19.91 -18.02
CA SER B 69 -19.24 -19.79 -19.50
C SER B 69 -19.05 -21.16 -20.16
N GLU B 70 -17.98 -21.88 -19.82
CA GLU B 70 -17.64 -23.20 -20.42
C GLU B 70 -18.78 -24.20 -20.18
N TYR B 71 -19.16 -24.47 -18.92
CA TYR B 71 -20.33 -25.31 -18.56
C TYR B 71 -21.52 -24.90 -19.45
N ILE B 72 -21.83 -23.60 -19.60
CA ILE B 72 -23.06 -23.15 -20.31
C ILE B 72 -22.93 -23.46 -21.81
N ARG B 73 -21.75 -23.28 -22.39
CA ARG B 73 -21.49 -23.52 -23.83
C ARG B 73 -21.52 -25.01 -24.11
N GLU B 74 -21.13 -25.86 -23.14
CA GLU B 74 -21.21 -27.34 -23.24
C GLU B 74 -22.67 -27.82 -23.03
N ASP B 75 -23.61 -26.90 -22.77
CA ASP B 75 -25.00 -27.22 -22.35
C ASP B 75 -25.02 -28.22 -21.17
N ASP B 76 -24.11 -28.08 -20.18
CA ASP B 76 -23.86 -29.10 -19.12
C ASP B 76 -24.41 -28.63 -17.78
N MET B 77 -25.72 -28.70 -17.59
CA MET B 77 -26.37 -28.28 -16.32
C MET B 77 -25.89 -29.11 -15.13
N PRO B 78 -25.70 -30.45 -15.26
CA PRO B 78 -25.13 -31.27 -14.18
C PRO B 78 -23.83 -30.74 -13.58
N GLY B 79 -22.82 -30.47 -14.43
CA GLY B 79 -21.53 -29.87 -14.03
C GLY B 79 -21.70 -28.50 -13.37
N LEU B 80 -22.38 -27.56 -14.03
CA LEU B 80 -22.61 -26.20 -13.49
C LEU B 80 -23.18 -26.32 -12.07
N ARG B 81 -24.26 -27.07 -11.89
CA ARG B 81 -24.92 -27.35 -10.58
C ARG B 81 -23.84 -27.84 -9.59
N ASP B 82 -23.05 -28.84 -9.97
CA ASP B 82 -22.11 -29.52 -9.04
C ASP B 82 -21.07 -28.48 -8.57
N TYR B 83 -20.43 -27.81 -9.53
CA TYR B 83 -19.50 -26.66 -9.38
C TYR B 83 -20.08 -25.53 -8.50
N PHE B 84 -21.29 -25.05 -8.80
CA PHE B 84 -21.97 -23.98 -8.02
C PHE B 84 -22.15 -24.43 -6.56
N ASN B 85 -22.65 -25.65 -6.35
CA ASN B 85 -22.93 -26.20 -4.99
C ASN B 85 -21.61 -26.32 -4.21
N LYS B 86 -20.51 -26.70 -4.89
CA LYS B 86 -19.20 -27.07 -4.29
CA LYS B 86 -19.23 -27.05 -4.23
C LYS B 86 -18.31 -25.84 -4.10
N ASN B 87 -18.48 -24.79 -4.91
CA ASN B 87 -17.53 -23.64 -4.90
C ASN B 87 -18.20 -22.30 -4.61
N ILE B 88 -19.40 -22.05 -5.11
CA ILE B 88 -20.00 -20.69 -5.06
C ILE B 88 -20.95 -20.59 -3.87
N VAL B 89 -21.59 -21.67 -3.40
CA VAL B 89 -22.45 -21.57 -2.17
C VAL B 89 -21.53 -21.30 -0.98
N PRO B 90 -20.49 -22.14 -0.74
CA PRO B 90 -19.49 -21.86 0.31
C PRO B 90 -18.87 -20.46 0.29
N MET B 91 -18.51 -19.95 -0.88
CA MET B 91 -17.94 -18.58 -1.05
C MET B 91 -18.94 -17.55 -0.50
N LYS B 92 -20.24 -17.73 -0.75
CA LYS B 92 -21.34 -16.82 -0.32
C LYS B 92 -21.46 -16.94 1.21
N ASP B 93 -21.59 -18.18 1.69
CA ASP B 93 -21.71 -18.55 3.13
C ASP B 93 -20.53 -17.94 3.89
N ASN B 94 -19.32 -18.18 3.42
CA ASN B 94 -18.08 -17.56 3.95
C ASN B 94 -17.93 -17.85 5.46
N LEU B 95 -18.13 -19.10 5.86
CA LEU B 95 -18.12 -19.52 7.28
C LEU B 95 -16.67 -19.47 7.79
N GLN B 96 -16.49 -18.86 8.96
CA GLN B 96 -15.24 -18.87 9.76
C GLN B 96 -14.80 -20.31 9.97
N MET B 97 -15.73 -21.21 10.35
CA MET B 97 -15.39 -22.61 10.71
C MET B 97 -14.70 -23.34 9.56
N ASN B 98 -14.83 -22.84 8.31
CA ASN B 98 -14.09 -23.38 7.12
C ASN B 98 -12.65 -22.90 7.08
N ALA B 99 -12.16 -22.19 8.12
CA ALA B 99 -10.78 -21.66 8.23
C ALA B 99 -9.84 -22.80 8.61
N ILE B 100 -10.31 -23.74 9.43
CA ILE B 100 -9.53 -24.94 9.86
C ILE B 100 -9.15 -25.76 8.62
N LYS B 101 -9.95 -25.70 7.55
CA LYS B 101 -9.80 -26.51 6.31
C LYS B 101 -8.72 -25.91 5.41
N LEU B 102 -8.68 -24.57 5.27
CA LEU B 102 -7.80 -23.85 4.31
C LEU B 102 -6.35 -23.92 4.78
N ASN B 103 -5.47 -24.47 3.91
CA ASN B 103 -4.03 -24.78 4.14
C ASN B 103 -3.22 -24.41 2.89
N GLY B 104 -2.98 -23.10 2.68
CA GLY B 104 -2.15 -22.49 1.63
C GLY B 104 -1.90 -21.01 1.93
N ILE B 105 -2.01 -20.11 0.95
CA ILE B 105 -1.86 -18.64 1.24
C ILE B 105 -2.93 -18.20 2.26
N GLU B 106 -4.04 -18.94 2.37
CA GLU B 106 -5.19 -18.59 3.24
C GLU B 106 -4.77 -18.69 4.72
N ASN B 107 -3.70 -19.43 5.04
CA ASN B 107 -3.19 -19.60 6.44
C ASN B 107 -2.14 -18.55 6.79
N LEU B 108 -1.82 -17.61 5.89
CA LEU B 108 -0.91 -16.49 6.20
C LEU B 108 -1.75 -15.34 6.78
N LYS B 109 -1.74 -15.23 8.12
CA LYS B 109 -2.62 -14.33 8.89
C LYS B 109 -1.90 -13.00 9.21
N VAL B 110 -0.79 -12.69 8.54
CA VAL B 110 -0.13 -11.35 8.62
C VAL B 110 -0.49 -10.59 7.33
N ARG B 111 -1.44 -9.66 7.43
CA ARG B 111 -2.19 -9.12 6.25
C ARG B 111 -1.20 -8.57 5.22
N GLU B 112 -0.17 -7.86 5.69
CA GLU B 112 0.85 -7.16 4.88
C GLU B 112 1.70 -8.18 4.11
N ILE B 113 2.11 -9.27 4.75
CA ILE B 113 2.94 -10.30 4.07
C ILE B 113 2.04 -11.08 3.11
N LYS B 114 0.79 -11.38 3.49
CA LYS B 114 -0.16 -12.09 2.59
C LYS B 114 -0.39 -11.27 1.31
N GLY B 115 -0.67 -9.98 1.42
CA GLY B 115 -0.84 -9.11 0.24
C GLY B 115 0.40 -9.14 -0.64
N LEU B 116 1.59 -9.03 -0.03
CA LEU B 116 2.90 -9.00 -0.75
C LEU B 116 3.06 -10.29 -1.55
N ILE B 117 2.68 -11.44 -0.97
CA ILE B 117 2.90 -12.75 -1.66
C ILE B 117 1.85 -12.86 -2.76
N THR B 118 0.61 -12.41 -2.50
CA THR B 118 -0.48 -12.31 -3.50
C THR B 118 0.03 -11.52 -4.72
N ALA B 119 0.79 -10.44 -4.53
CA ALA B 119 1.30 -9.62 -5.64
C ALA B 119 2.33 -10.43 -6.45
N LYS B 120 3.27 -11.06 -5.77
CA LYS B 120 4.30 -11.94 -6.40
C LYS B 120 3.61 -13.12 -7.11
N ILE B 121 2.55 -13.70 -6.55
CA ILE B 121 1.81 -14.80 -7.24
C ILE B 121 1.21 -14.24 -8.53
N LEU B 122 0.70 -13.01 -8.51
CA LEU B 122 0.03 -12.39 -9.68
C LEU B 122 1.08 -12.03 -10.72
N ARG B 123 2.21 -11.47 -10.29
CA ARG B 123 3.34 -11.10 -11.19
C ARG B 123 3.79 -12.38 -11.93
N ALA B 124 3.96 -13.48 -11.19
CA ALA B 124 4.39 -14.78 -11.75
C ALA B 124 3.35 -15.25 -12.76
N GLN B 125 2.07 -15.25 -12.36
CA GLN B 125 0.92 -15.66 -13.23
C GLN B 125 0.95 -14.87 -14.55
N GLU B 126 1.29 -13.58 -14.55
CA GLU B 126 1.38 -12.75 -15.79
C GLU B 126 2.43 -13.35 -16.74
N MET B 127 3.56 -13.80 -16.20
CA MET B 127 4.76 -14.25 -16.97
C MET B 127 4.76 -15.79 -17.10
N ASN B 128 3.60 -16.43 -16.88
CA ASN B 128 3.40 -17.89 -17.09
C ASN B 128 4.47 -18.65 -16.31
N ILE B 129 4.75 -18.21 -15.07
CA ILE B 129 5.59 -18.93 -14.08
C ILE B 129 4.66 -19.55 -13.04
N PRO B 130 4.54 -20.90 -12.99
CA PRO B 130 3.74 -21.56 -11.95
C PRO B 130 4.37 -21.33 -10.58
N ILE B 131 3.54 -21.20 -9.54
CA ILE B 131 3.98 -20.85 -8.16
C ILE B 131 3.09 -21.57 -7.15
N SER B 132 3.68 -22.45 -6.34
CA SER B 132 3.04 -23.23 -5.25
C SER B 132 3.27 -22.50 -3.92
N ILE B 133 2.28 -22.54 -3.02
CA ILE B 133 2.37 -21.98 -1.65
C ILE B 133 2.10 -23.13 -0.66
N GLU B 134 3.04 -23.39 0.25
CA GLU B 134 2.91 -24.43 1.30
C GLU B 134 2.97 -23.77 2.69
N ILE B 135 1.80 -23.49 3.25
CA ILE B 135 1.61 -22.94 4.62
C ILE B 135 0.65 -23.88 5.33
N PRO B 136 1.15 -25.04 5.84
CA PRO B 136 0.26 -26.07 6.37
C PRO B 136 -0.44 -25.59 7.66
N ASP B 137 0.29 -24.85 8.49
CA ASP B 137 -0.21 -24.29 9.78
C ASP B 137 -0.48 -22.79 9.63
N GLU B 138 -1.49 -22.29 10.33
CA GLU B 138 -1.80 -20.84 10.41
CA GLU B 138 -1.81 -20.84 10.45
C GLU B 138 -0.55 -20.14 10.99
N VAL B 139 -0.14 -19.01 10.39
CA VAL B 139 1.03 -18.18 10.85
C VAL B 139 0.51 -16.77 11.17
N SER B 140 0.38 -16.49 12.48
CA SER B 140 -0.30 -15.30 13.05
C SER B 140 0.72 -14.19 13.30
N SER B 141 2.01 -14.52 13.37
CA SER B 141 3.07 -13.57 13.85
C SER B 141 4.47 -14.03 13.46
N ILE B 142 5.37 -13.05 13.29
CA ILE B 142 6.78 -13.24 12.87
C ILE B 142 7.61 -12.18 13.59
N ASN B 143 8.68 -12.59 14.28
CA ASN B 143 9.46 -11.69 15.17
C ASN B 143 10.46 -10.90 14.33
N LEU B 144 9.97 -10.11 13.38
CA LEU B 144 10.75 -9.07 12.67
C LEU B 144 9.81 -7.89 12.35
N ASN B 145 10.27 -6.65 12.52
CA ASN B 145 9.44 -5.44 12.23
C ASN B 145 8.89 -5.61 10.81
N MET B 146 7.70 -5.07 10.55
CA MET B 146 6.94 -5.27 9.28
C MET B 146 7.79 -4.73 8.10
N ILE B 147 8.48 -3.60 8.30
CA ILE B 147 9.20 -2.94 7.17
C ILE B 147 10.32 -3.88 6.68
N ASP B 148 11.16 -4.40 7.58
CA ASP B 148 12.31 -5.28 7.21
C ASP B 148 11.81 -6.64 6.69
N LEU B 149 10.74 -7.18 7.29
CA LEU B 149 10.14 -8.48 6.91
C LEU B 149 9.62 -8.40 5.47
N SER B 150 8.90 -7.32 5.17
CA SER B 150 8.30 -6.96 3.86
C SER B 150 9.42 -6.90 2.80
N ARG B 151 10.47 -6.09 3.04
CA ARG B 151 11.55 -5.88 2.03
C ARG B 151 12.26 -7.21 1.74
N SER B 152 12.62 -7.96 2.79
CA SER B 152 13.27 -9.28 2.76
C SER B 152 12.48 -10.25 1.86
N ILE B 153 11.20 -10.44 2.15
CA ILE B 153 10.35 -11.44 1.43
C ILE B 153 10.25 -11.05 -0.05
N GLY B 154 10.02 -9.76 -0.33
CA GLY B 154 9.81 -9.23 -1.69
C GLY B 154 11.05 -9.38 -2.56
N ILE B 155 12.24 -9.21 -1.97
CA ILE B 155 13.56 -9.34 -2.66
C ILE B 155 13.84 -10.82 -2.97
N ILE B 156 13.52 -11.72 -2.05
CA ILE B 156 13.71 -13.19 -2.23
C ILE B 156 12.81 -13.66 -3.37
N LEU B 157 11.57 -13.17 -3.45
CA LEU B 157 10.62 -13.60 -4.51
C LEU B 157 10.94 -12.89 -5.82
N ASP B 158 11.50 -11.68 -5.76
CA ASP B 158 11.94 -10.92 -6.96
C ASP B 158 13.10 -11.68 -7.62
N ASN B 159 14.03 -12.18 -6.80
CA ASN B 159 15.17 -13.05 -7.23
C ASN B 159 14.59 -14.26 -7.98
N ALA B 160 13.75 -15.04 -7.31
CA ALA B 160 13.13 -16.28 -7.82
C ALA B 160 12.44 -15.99 -9.17
N ILE B 161 11.65 -14.92 -9.24
CA ILE B 161 10.86 -14.53 -10.46
C ILE B 161 11.83 -14.13 -11.59
N GLU B 162 12.84 -13.30 -11.34
CA GLU B 162 13.79 -12.83 -12.40
C GLU B 162 14.54 -14.06 -12.96
N ALA B 163 14.91 -14.98 -12.06
CA ALA B 163 15.66 -16.22 -12.35
C ALA B 163 14.82 -17.20 -13.18
N SER B 164 13.49 -17.11 -13.10
CA SER B 164 12.51 -18.05 -13.73
C SER B 164 12.17 -17.64 -15.17
N THR B 165 12.62 -16.46 -15.63
CA THR B 165 12.20 -15.86 -16.93
C THR B 165 13.01 -16.46 -18.08
N GLU B 166 14.30 -16.76 -17.83
CA GLU B 166 15.27 -17.25 -18.85
C GLU B 166 15.22 -18.78 -18.89
N ILE B 167 14.02 -19.37 -18.86
CA ILE B 167 13.80 -20.82 -18.60
C ILE B 167 12.56 -21.29 -19.38
N ASP B 168 12.54 -22.59 -19.72
CA ASP B 168 11.34 -23.35 -20.17
C ASP B 168 10.83 -24.15 -18.96
N ASP B 169 9.50 -24.29 -18.83
CA ASP B 169 8.83 -24.98 -17.69
C ASP B 169 9.51 -24.58 -16.38
N PRO B 170 9.39 -23.30 -15.94
CA PRO B 170 9.83 -22.91 -14.60
C PRO B 170 8.83 -23.31 -13.51
N ILE B 171 9.23 -23.11 -12.24
CA ILE B 171 8.33 -23.19 -11.07
C ILE B 171 9.02 -22.51 -9.88
N ILE B 172 8.23 -21.81 -9.04
CA ILE B 172 8.64 -21.22 -7.74
C ILE B 172 7.81 -21.89 -6.64
N ARG B 173 8.44 -22.37 -5.59
CA ARG B 173 7.73 -22.92 -4.41
C ARG B 173 8.02 -22.01 -3.23
N VAL B 174 6.99 -21.70 -2.45
CA VAL B 174 7.06 -20.81 -1.26
C VAL B 174 6.53 -21.63 -0.08
N ALA B 175 7.14 -21.50 1.08
CA ALA B 175 6.67 -22.14 2.34
C ALA B 175 6.95 -21.23 3.54
N PHE B 176 6.02 -21.23 4.50
CA PHE B 176 6.19 -20.70 5.88
C PHE B 176 6.08 -21.89 6.84
N ILE B 177 7.11 -22.08 7.68
CA ILE B 177 7.24 -23.22 8.63
C ILE B 177 7.38 -22.66 10.05
N GLU B 178 6.39 -22.93 10.92
CA GLU B 178 6.46 -22.55 12.36
C GLU B 178 6.79 -23.80 13.20
N SER B 179 7.87 -23.72 13.99
CA SER B 179 8.23 -24.70 15.05
C SER B 179 7.77 -24.11 16.41
N GLU B 180 8.41 -24.50 17.52
CA GLU B 180 8.23 -23.85 18.85
C GLU B 180 9.19 -22.66 18.96
N ASN B 181 10.32 -22.72 18.24
CA ASN B 181 11.49 -21.81 18.42
C ASN B 181 11.50 -20.70 17.36
N SER B 182 10.97 -20.94 16.14
CA SER B 182 11.15 -20.01 14.99
C SER B 182 10.01 -20.08 13.97
N VAL B 183 9.99 -19.09 13.05
CA VAL B 183 9.29 -19.08 11.73
C VAL B 183 10.36 -19.08 10.62
N THR B 184 10.16 -19.90 9.58
CA THR B 184 11.15 -20.11 8.49
C THR B 184 10.47 -19.93 7.12
N PHE B 185 10.93 -18.94 6.33
CA PHE B 185 10.46 -18.60 4.95
C PHE B 185 11.42 -19.19 3.91
N ILE B 186 10.92 -20.14 3.10
CA ILE B 186 11.71 -20.86 2.05
C ILE B 186 11.10 -20.55 0.69
N VAL B 187 11.96 -20.25 -0.28
CA VAL B 187 11.61 -20.03 -1.72
C VAL B 187 12.59 -20.84 -2.57
N MET B 188 12.05 -21.77 -3.38
CA MET B 188 12.82 -22.59 -4.34
C MET B 188 12.38 -22.23 -5.76
N ASN B 189 13.31 -22.17 -6.71
CA ASN B 189 12.98 -21.95 -8.15
C ASN B 189 13.86 -22.87 -9.01
N LYS B 190 13.33 -23.39 -10.13
CA LYS B 190 14.13 -24.13 -11.15
C LYS B 190 15.15 -23.15 -11.74
N CYS B 191 16.37 -23.64 -12.02
CA CYS B 191 17.54 -22.88 -12.53
C CYS B 191 17.67 -23.02 -14.06
N ALA B 192 18.32 -22.04 -14.69
CA ALA B 192 18.75 -22.08 -16.12
C ALA B 192 19.95 -23.03 -16.23
N ASP B 193 21.07 -22.55 -16.79
CA ASP B 193 22.34 -23.31 -16.98
C ASP B 193 23.51 -22.37 -16.68
N ASP B 194 23.75 -22.13 -15.38
CA ASP B 194 24.57 -21.02 -14.82
C ASP B 194 25.99 -21.07 -15.43
N GLY B 216 17.54 -4.46 -4.52
CA GLY B 216 18.63 -5.43 -4.81
C GLY B 216 18.83 -6.42 -3.67
N LEU B 217 19.83 -7.31 -3.80
CA LEU B 217 20.08 -8.45 -2.87
C LEU B 217 21.11 -8.06 -1.79
N SER B 218 21.64 -6.83 -1.80
CA SER B 218 22.63 -6.29 -0.83
C SER B 218 21.92 -5.83 0.45
N THR B 219 20.88 -5.00 0.27
CA THR B 219 19.99 -4.43 1.33
C THR B 219 19.34 -5.57 2.14
N LEU B 220 19.28 -6.80 1.59
CA LEU B 220 18.77 -8.04 2.26
C LEU B 220 19.80 -8.57 3.27
N LYS B 221 21.10 -8.56 2.92
CA LYS B 221 22.21 -9.02 3.79
C LYS B 221 22.41 -8.00 4.92
N GLU B 222 22.32 -6.71 4.59
CA GLU B 222 22.29 -5.59 5.58
C GLU B 222 21.33 -5.95 6.72
N ILE B 223 20.12 -6.42 6.39
CA ILE B 223 19.00 -6.67 7.34
C ILE B 223 19.33 -7.86 8.23
N ALA B 224 19.89 -8.94 7.67
CA ALA B 224 20.21 -10.20 8.39
C ALA B 224 21.39 -9.99 9.36
N ASP B 225 22.26 -9.03 9.05
CA ASP B 225 23.50 -8.70 9.82
C ASP B 225 23.18 -7.73 10.96
N ASN B 226 22.01 -7.07 10.95
CA ASN B 226 21.59 -6.12 12.01
C ASN B 226 20.44 -6.74 12.83
N ALA B 227 20.34 -8.08 12.81
CA ALA B 227 19.36 -8.89 13.57
C ALA B 227 19.96 -10.25 13.94
N ASP B 228 19.97 -10.57 15.23
CA ASP B 228 20.58 -11.80 15.81
C ASP B 228 19.61 -12.97 15.62
N ASN B 229 18.33 -12.69 15.37
CA ASN B 229 17.26 -13.72 15.22
C ASN B 229 17.02 -14.02 13.73
N VAL B 230 17.66 -13.30 12.81
CA VAL B 230 17.48 -13.46 11.33
C VAL B 230 18.72 -14.15 10.78
N LEU B 231 18.53 -15.41 10.35
CA LEU B 231 19.56 -16.30 9.74
C LEU B 231 19.20 -16.52 8.27
N LEU B 232 19.99 -15.96 7.36
CA LEU B 232 19.78 -16.03 5.89
C LEU B 232 20.63 -17.17 5.35
N ASP B 233 20.02 -18.08 4.59
CA ASP B 233 20.66 -19.34 4.10
C ASP B 233 20.38 -19.52 2.61
N THR B 234 21.31 -20.16 1.91
CA THR B 234 21.27 -20.42 0.45
C THR B 234 21.75 -21.85 0.20
N ILE B 235 21.25 -22.47 -0.88
CA ILE B 235 21.50 -23.89 -1.25
C ILE B 235 21.38 -24.03 -2.77
N ILE B 236 22.32 -24.73 -3.41
CA ILE B 236 22.21 -25.16 -4.83
C ILE B 236 21.97 -26.67 -4.81
N GLU B 237 20.82 -27.11 -5.31
CA GLU B 237 20.30 -28.49 -5.14
C GLU B 237 19.68 -28.98 -6.45
N ASN B 238 20.53 -29.46 -7.36
CA ASN B 238 20.17 -30.29 -8.55
C ASN B 238 19.12 -29.57 -9.40
N GLY B 239 19.55 -28.51 -10.09
CA GLY B 239 18.74 -27.76 -11.08
C GLY B 239 17.59 -26.99 -10.46
N PHE B 240 17.74 -26.55 -9.21
CA PHE B 240 16.78 -25.62 -8.55
C PHE B 240 17.47 -24.91 -7.36
N PHE B 241 17.29 -23.58 -7.27
CA PHE B 241 17.92 -22.69 -6.26
C PHE B 241 16.96 -22.54 -5.07
N ILE B 242 17.51 -22.42 -3.84
CA ILE B 242 16.77 -22.27 -2.55
C ILE B 242 17.28 -21.02 -1.81
N GLN B 243 16.35 -20.17 -1.38
CA GLN B 243 16.59 -19.06 -0.40
C GLN B 243 15.73 -19.34 0.84
N LYS B 244 16.31 -19.19 2.03
CA LYS B 244 15.69 -19.53 3.33
C LYS B 244 15.97 -18.41 4.34
N VAL B 245 14.97 -17.98 5.10
CA VAL B 245 15.12 -17.00 6.22
C VAL B 245 14.46 -17.62 7.46
N GLU B 246 15.26 -17.97 8.45
CA GLU B 246 14.79 -18.40 9.81
C GLU B 246 14.69 -17.13 10.66
N ILE B 247 13.55 -16.91 11.29
CA ILE B 247 13.32 -15.77 12.23
C ILE B 247 12.95 -16.39 13.59
N ILE B 248 13.79 -16.18 14.60
CA ILE B 248 13.64 -16.81 15.95
C ILE B 248 12.68 -15.94 16.77
N ASN B 249 11.79 -16.56 17.56
CA ASN B 249 10.83 -15.86 18.45
C ASN B 249 11.59 -15.22 19.63
N ASN B 250 11.09 -14.10 20.17
CA ASN B 250 11.69 -13.40 21.34
C ASN B 250 10.91 -13.81 22.60
#